data_1WZF
#
_entry.id   1WZF
#
_cell.length_a   40.810
_cell.length_b   62.875
_cell.length_c   77.693
_cell.angle_alpha   90.00
_cell.angle_beta   97.93
_cell.angle_gamma   90.00
#
_symmetry.space_group_name_H-M   'P 1 21 1'
#
loop_
_entity.id
_entity.type
_entity.pdbx_description
1 polymer 'Heme oxygenase'
2 non-polymer 'SULFATE ION'
3 non-polymer "[[2,2'-[4-CARBOXY-1,2-PHENYLENEBIS(NITRILOMETHYLIDYNE)]BIS[PHENOLATO]](2-)-N,N',O,O']-IRON"
4 non-polymer GLYCEROL
5 water water
#
_entity_poly.entity_id   1
_entity_poly.type   'polypeptide(L)'
_entity_poly.pdbx_seq_one_letter_code
;MTTATAGLAVELKQSTAQAHEKAEHSTFMSDLLKGRLGVAEFTRLQEQAWLFYTALEQAVDAVRASGFAESLLDPALNRA
EVLARDLDKLNGSSEWRSRITASPAVIDYVNRLEEIRDNVDGPALVAHHYVRYLGDLSGGQVIARMMQRHYGVDPEALGF
YHFEGIAKLKVYKDEYREKLNNLELSDEQREHLLKEATDAFVFNHQVFADLGKGL
;
_entity_poly.pdbx_strand_id   A,B
#
loop_
_chem_comp.id
_chem_comp.type
_chem_comp.name
_chem_comp.formula
GOL non-polymer GLYCEROL 'C3 H8 O3'
SO4 non-polymer 'SULFATE ION' 'O4 S -2'
YOL non-polymer [[2,2'-[4-CARBOXY-1,2-PHENYLENEBIS(NITRILOMETHYLIDYNE)]BIS[PHENOLATO]](2-)-N,N',O,O']-IRON 'C21 H14 Fe N2 O4 2'
#
# COMPACT_ATOMS: atom_id res chain seq x y z
N GLY A 7 23.85 25.36 19.33
CA GLY A 7 22.58 25.97 19.88
C GLY A 7 21.53 24.91 20.20
N LEU A 8 20.29 25.34 20.40
CA LEU A 8 19.23 24.41 20.84
C LEU A 8 18.91 23.34 19.80
N ALA A 9 18.91 23.72 18.53
CA ALA A 9 18.51 22.81 17.50
C ALA A 9 19.49 21.63 17.42
N VAL A 10 20.76 21.90 17.70
CA VAL A 10 21.78 20.85 17.77
C VAL A 10 21.62 19.97 19.00
N GLU A 11 21.35 20.57 20.14
CA GLU A 11 21.22 19.84 21.38
C GLU A 11 20.02 18.90 21.32
N LEU A 12 18.95 19.39 20.70
CA LEU A 12 17.71 18.63 20.52
C LEU A 12 17.98 17.36 19.73
N LYS A 13 18.66 17.52 18.60
CA LYS A 13 19.08 16.38 17.79
C LYS A 13 19.87 15.36 18.59
N GLN A 14 20.89 15.81 19.30
CA GLN A 14 21.70 14.90 20.10
C GLN A 14 20.91 14.30 21.27
N SER A 15 20.12 15.12 21.94
CA SER A 15 19.40 14.72 23.16
C SER A 15 18.44 13.57 22.86
N THR A 16 17.83 13.62 21.69
CA THR A 16 16.71 12.75 21.34
C THR A 16 17.08 11.66 20.35
N ALA A 17 18.37 11.49 20.06
CA ALA A 17 18.81 10.53 19.03
C ALA A 17 18.46 9.07 19.33
N GLN A 18 18.56 8.64 20.60
CA GLN A 18 18.15 7.26 20.97
C GLN A 18 16.65 7.04 20.76
N ALA A 19 15.82 7.87 21.41
CA ALA A 19 14.35 7.78 21.24
C ALA A 19 13.92 7.98 19.78
N HIS A 20 14.66 8.80 19.05
CA HIS A 20 14.30 9.12 17.69
C HIS A 20 14.51 7.93 16.77
N GLU A 21 15.64 7.27 16.90
CA GLU A 21 15.92 6.13 16.07
C GLU A 21 14.94 4.98 16.34
N LYS A 22 14.64 4.75 17.62
CA LYS A 22 13.69 3.71 17.99
C LYS A 22 12.34 3.95 17.34
N ALA A 23 11.90 5.22 17.30
CA ALA A 23 10.61 5.59 16.70
C ALA A 23 10.57 5.22 15.22
N GLU A 24 11.60 5.68 14.51
CA GLU A 24 11.75 5.51 13.07
C GLU A 24 11.85 4.04 12.64
N HIS A 25 12.43 3.22 13.53
CA HIS A 25 12.68 1.81 13.24
C HIS A 25 11.66 0.81 13.81
N SER A 26 10.51 1.33 14.24
CA SER A 26 9.43 0.46 14.66
C SER A 26 9.09 -0.54 13.55
N THR A 27 8.60 -1.72 13.96
CA THR A 27 8.20 -2.72 12.99
C THR A 27 7.06 -2.21 12.08
N PHE A 28 6.12 -1.45 12.64
CA PHE A 28 4.99 -0.97 11.84
C PHE A 28 5.52 -0.07 10.70
N MET A 29 6.37 0.91 11.06
CA MET A 29 6.86 1.86 10.06
C MET A 29 7.78 1.20 9.05
N SER A 30 8.62 0.30 9.55
CA SER A 30 9.48 -0.50 8.67
C SER A 30 8.69 -1.32 7.66
N ASP A 31 7.66 -2.02 8.10
CA ASP A 31 6.89 -2.83 7.19
C ASP A 31 6.11 -1.96 6.22
N LEU A 32 5.56 -0.87 6.77
CA LEU A 32 4.87 0.11 5.96
C LEU A 32 5.72 0.61 4.80
N LEU A 33 6.94 1.02 5.13
CA LEU A 33 7.83 1.61 4.12
C LEU A 33 8.41 0.60 3.14
N LYS A 34 8.48 -0.67 3.52
CA LYS A 34 8.92 -1.72 2.60
C LYS A 34 7.83 -2.26 1.68
N GLY A 35 6.58 -1.90 1.94
CA GLY A 35 5.46 -2.24 1.05
C GLY A 35 4.77 -3.53 1.44
N ARG A 36 5.01 -3.96 2.69
CA ARG A 36 4.44 -5.18 3.26
C ARG A 36 3.02 -5.01 3.80
N LEU A 37 2.55 -3.78 3.99
CA LEU A 37 1.20 -3.60 4.52
C LEU A 37 0.28 -3.23 3.34
N GLY A 38 -0.54 -2.19 3.49
CA GLY A 38 -1.51 -1.84 2.44
C GLY A 38 -2.07 -0.46 2.75
N VAL A 39 -2.90 0.08 1.87
CA VAL A 39 -3.47 1.41 2.09
C VAL A 39 -4.31 1.47 3.40
N ALA A 40 -4.85 0.33 3.82
CA ALA A 40 -5.65 0.27 5.05
C ALA A 40 -4.76 0.70 6.17
N GLU A 41 -3.51 0.21 6.17
CA GLU A 41 -2.62 0.50 7.32
C GLU A 41 -2.20 1.94 7.32
N PHE A 42 -1.95 2.46 6.12
CA PHE A 42 -1.68 3.88 6.01
C PHE A 42 -2.84 4.70 6.55
N THR A 43 -4.05 4.27 6.21
CA THR A 43 -5.26 5.04 6.60
C THR A 43 -5.43 5.00 8.12
N ARG A 44 -5.16 3.84 8.72
CA ARG A 44 -5.21 3.74 10.15
C ARG A 44 -4.22 4.73 10.81
N LEU A 45 -3.01 4.77 10.28
CA LEU A 45 -1.98 5.71 10.73
C LEU A 45 -2.48 7.13 10.70
N GLN A 46 -3.06 7.50 9.57
CA GLN A 46 -3.54 8.86 9.41
C GLN A 46 -4.72 9.19 10.31
N GLU A 47 -5.52 8.19 10.68
CA GLU A 47 -6.67 8.41 11.59
C GLU A 47 -6.17 8.71 13.01
N GLN A 48 -5.17 7.94 13.43
CA GLN A 48 -4.50 8.17 14.72
C GLN A 48 -3.79 9.52 14.71
N ALA A 49 -3.10 9.82 13.63
CA ALA A 49 -2.47 11.14 13.48
C ALA A 49 -3.51 12.29 13.59
N TRP A 50 -4.66 12.17 12.91
CA TRP A 50 -5.69 13.20 13.02
C TRP A 50 -6.06 13.51 14.49
N LEU A 51 -6.23 12.45 15.29
CA LEU A 51 -6.42 12.60 16.73
C LEU A 51 -5.32 13.36 17.47
N PHE A 52 -4.07 12.95 17.32
CA PHE A 52 -3.04 13.68 18.04
C PHE A 52 -2.65 15.06 17.47
N TYR A 53 -2.73 15.24 16.16
CA TYR A 53 -2.54 16.56 15.53
C TYR A 53 -3.64 17.55 15.97
N THR A 54 -4.88 17.08 16.06
CA THR A 54 -5.96 17.86 16.65
C THR A 54 -5.57 18.37 18.06
N ALA A 55 -5.06 17.48 18.93
CA ALA A 55 -4.68 17.85 20.30
C ALA A 55 -3.44 18.71 20.28
N LEU A 56 -2.48 18.34 19.43
CA LEU A 56 -1.25 19.14 19.27
C LEU A 56 -1.57 20.60 18.95
N GLU A 57 -2.49 20.81 18.01
CA GLU A 57 -2.73 22.13 17.43
C GLU A 57 -3.60 23.00 18.33
N GLN A 58 -4.42 22.38 19.17
CA GLN A 58 -5.06 23.05 20.33
C GLN A 58 -4.00 23.57 21.31
N ALA A 59 -3.03 22.72 21.65
CA ALA A 59 -1.89 23.15 22.50
C ALA A 59 -1.06 24.26 21.86
N VAL A 60 -0.77 24.14 20.56
CA VAL A 60 -0.12 25.21 19.79
C VAL A 60 -0.88 26.54 19.84
N ASP A 61 -2.17 26.53 19.52
CA ASP A 61 -3.03 27.69 19.58
C ASP A 61 -2.94 28.44 20.91
N ALA A 62 -3.00 27.68 21.99
CA ALA A 62 -2.88 28.18 23.36
C ALA A 62 -1.55 28.89 23.62
N VAL A 63 -0.45 28.23 23.27
CA VAL A 63 0.86 28.75 23.55
C VAL A 63 1.09 29.95 22.65
N ARG A 64 0.72 29.86 21.38
CA ARG A 64 0.83 31.04 20.50
C ARG A 64 0.09 32.25 21.04
N ALA A 65 -1.18 32.06 21.39
CA ALA A 65 -2.00 33.12 21.98
C ALA A 65 -1.38 33.74 23.25
N SER A 66 -0.66 32.92 24.02
CA SER A 66 0.00 33.41 25.25
C SER A 66 1.17 34.36 24.93
N GLY A 67 1.62 34.35 23.68
CA GLY A 67 2.71 35.20 23.21
C GLY A 67 4.06 34.51 23.25
N PHE A 68 4.06 33.18 23.33
CA PHE A 68 5.32 32.47 23.48
C PHE A 68 5.73 31.84 22.14
N ALA A 69 7.00 32.03 21.73
CA ALA A 69 7.57 31.49 20.47
C ALA A 69 6.69 31.74 19.23
N GLU A 70 6.06 32.90 19.16
CA GLU A 70 5.11 33.19 18.11
C GLU A 70 5.60 32.89 16.70
N SER A 71 6.79 33.37 16.35
CA SER A 71 7.29 33.17 14.98
C SER A 71 7.52 31.70 14.64
N LEU A 72 7.95 30.91 15.63
CA LEU A 72 8.13 29.47 15.45
C LEU A 72 6.81 28.77 15.13
N LEU A 73 5.75 29.19 15.80
CA LEU A 73 4.46 28.51 15.79
C LEU A 73 3.66 28.98 14.58
N ASP A 74 4.26 28.80 13.40
CA ASP A 74 3.66 29.19 12.13
C ASP A 74 2.33 28.43 11.89
N PRO A 75 1.21 29.17 11.78
CA PRO A 75 -0.08 28.51 11.51
C PRO A 75 -0.13 27.77 10.18
N ALA A 76 0.72 28.15 9.20
CA ALA A 76 0.79 27.37 7.92
C ALA A 76 1.26 25.91 8.11
N LEU A 77 1.77 25.59 9.29
CA LEU A 77 2.13 24.21 9.64
C LEU A 77 0.94 23.33 9.99
N ASN A 78 -0.16 23.97 10.39
CA ASN A 78 -1.39 23.25 10.77
C ASN A 78 -1.71 22.07 9.84
N ARG A 79 -1.86 20.87 10.41
CA ARG A 79 -2.14 19.66 9.60
C ARG A 79 -3.53 19.03 9.80
N ALA A 80 -4.23 19.33 10.91
CA ALA A 80 -5.51 18.66 11.23
C ALA A 80 -6.57 18.79 10.12
N GLU A 81 -6.79 20.00 9.61
CA GLU A 81 -7.82 20.14 8.58
C GLU A 81 -7.47 19.41 7.27
N VAL A 82 -6.22 19.58 6.84
CA VAL A 82 -5.69 18.95 5.60
C VAL A 82 -5.80 17.43 5.69
N LEU A 83 -5.55 16.93 6.89
CA LEU A 83 -5.58 15.51 7.21
C LEU A 83 -6.99 14.92 7.15
N ALA A 84 -7.94 15.60 7.79
CA ALA A 84 -9.37 15.29 7.63
C ALA A 84 -9.80 15.17 6.15
N ARG A 85 -9.31 16.07 5.30
CA ARG A 85 -9.64 15.98 3.87
C ARG A 85 -8.99 14.75 3.23
N ASP A 86 -7.78 14.42 3.66
CA ASP A 86 -7.08 13.19 3.21
C ASP A 86 -7.88 11.97 3.61
N LEU A 87 -8.37 11.98 4.85
CA LEU A 87 -9.14 10.86 5.38
C LEU A 87 -10.50 10.72 4.72
N ASP A 88 -11.10 11.86 4.35
CA ASP A 88 -12.34 11.85 3.53
C ASP A 88 -12.13 11.08 2.21
N LYS A 89 -10.99 11.33 1.58
CA LYS A 89 -10.67 10.69 0.29
C LYS A 89 -10.24 9.22 0.45
N LEU A 90 -9.41 8.94 1.47
CA LEU A 90 -9.00 7.58 1.79
C LEU A 90 -10.17 6.69 2.20
N ASN A 91 -11.00 7.17 3.11
CA ASN A 91 -12.16 6.39 3.50
C ASN A 91 -13.35 6.43 2.56
N GLY A 92 -13.46 7.44 1.71
CA GLY A 92 -14.55 7.48 0.71
C GLY A 92 -15.83 8.11 1.24
N SER A 93 -15.82 8.49 2.51
CA SER A 93 -16.94 9.17 3.17
C SER A 93 -16.50 9.89 4.46
N SER A 94 -17.43 10.62 5.07
CA SER A 94 -17.20 11.30 6.35
C SER A 94 -17.29 10.35 7.53
N GLU A 95 -17.71 9.11 7.28
CA GLU A 95 -17.92 8.05 8.27
C GLU A 95 -16.88 8.00 9.39
N TRP A 96 -15.62 8.17 9.00
CA TRP A 96 -14.53 7.91 9.90
C TRP A 96 -14.56 8.79 11.15
N ARG A 97 -15.11 10.00 11.02
CA ARG A 97 -15.10 10.99 12.11
C ARG A 97 -15.80 10.44 13.34
N SER A 98 -16.72 9.49 13.13
CA SER A 98 -17.47 8.88 14.23
C SER A 98 -17.04 7.44 14.51
N ARG A 99 -16.38 6.79 13.57
CA ARG A 99 -15.83 5.47 13.83
C ARG A 99 -14.56 5.51 14.72
N ILE A 100 -13.65 6.43 14.40
CA ILE A 100 -12.29 6.32 14.88
C ILE A 100 -12.22 6.64 16.35
N THR A 101 -11.27 5.99 17.02
CA THR A 101 -11.04 6.18 18.45
C THR A 101 -9.56 6.03 18.76
N ALA A 102 -9.06 6.76 19.76
CA ALA A 102 -7.63 6.73 20.08
C ALA A 102 -7.18 5.37 20.60
N SER A 103 -6.06 4.89 20.08
CA SER A 103 -5.37 3.70 20.60
C SER A 103 -4.80 4.04 21.98
N PRO A 104 -4.40 3.03 22.78
CA PRO A 104 -3.88 3.34 24.14
C PRO A 104 -2.72 4.35 24.18
N ALA A 105 -1.78 4.25 23.25
CA ALA A 105 -0.66 5.21 23.21
C ALA A 105 -1.14 6.60 22.76
N VAL A 106 -2.09 6.63 21.83
CA VAL A 106 -2.62 7.92 21.39
C VAL A 106 -3.39 8.58 22.54
N ILE A 107 -4.15 7.80 23.29
CA ILE A 107 -4.74 8.33 24.53
C ILE A 107 -3.67 8.99 25.41
N ASP A 108 -2.56 8.32 25.66
CA ASP A 108 -1.53 8.93 26.55
C ASP A 108 -0.91 10.16 25.94
N TYR A 109 -0.68 10.06 24.64
CA TYR A 109 -0.04 11.12 23.89
C TYR A 109 -0.98 12.34 23.93
N VAL A 110 -2.25 12.14 23.57
CA VAL A 110 -3.25 13.22 23.67
C VAL A 110 -3.40 13.80 25.09
N ASN A 111 -3.40 12.93 26.10
CA ASN A 111 -3.49 13.44 27.48
C ASN A 111 -2.36 14.38 27.82
N ARG A 112 -1.14 14.01 27.41
CA ARG A 112 0.00 14.92 27.61
C ARG A 112 -0.19 16.22 26.87
N LEU A 113 -0.65 16.14 25.61
CA LEU A 113 -0.83 17.36 24.81
C LEU A 113 -1.88 18.28 25.43
N GLU A 114 -2.89 17.65 26.04
CA GLU A 114 -3.98 18.39 26.66
C GLU A 114 -3.54 19.06 27.96
N GLU A 115 -2.64 18.41 28.69
CA GLU A 115 -2.07 18.95 29.90
C GLU A 115 -1.19 20.18 29.55
N ILE A 116 -0.41 20.03 28.48
CA ILE A 116 0.44 21.11 27.94
C ILE A 116 -0.45 22.30 27.50
N ARG A 117 -1.55 22.01 26.81
CA ARG A 117 -2.55 23.04 26.51
C ARG A 117 -3.04 23.77 27.77
N ASP A 118 -3.50 23.03 28.77
CA ASP A 118 -4.16 23.62 29.91
C ASP A 118 -3.17 24.33 30.87
N ASN A 119 -1.92 23.89 30.89
CA ASN A 119 -0.87 24.56 31.65
C ASN A 119 -0.20 25.64 30.82
N VAL A 120 -0.62 25.76 29.56
CA VAL A 120 0.00 26.65 28.56
C VAL A 120 1.54 26.60 28.66
N ASP A 121 2.06 25.39 28.52
CA ASP A 121 3.47 25.10 28.80
C ASP A 121 4.27 25.33 27.52
N GLY A 122 4.79 26.54 27.36
CA GLY A 122 5.51 26.90 26.15
C GLY A 122 6.65 25.98 25.78
N PRO A 123 7.63 25.83 26.69
CA PRO A 123 8.76 24.92 26.42
C PRO A 123 8.34 23.49 26.01
N ALA A 124 7.43 22.88 26.75
CA ALA A 124 7.01 21.51 26.41
C ALA A 124 6.28 21.51 25.05
N LEU A 125 5.48 22.54 24.80
CA LEU A 125 4.83 22.66 23.50
C LEU A 125 5.87 22.71 22.39
N VAL A 126 6.90 23.54 22.54
CA VAL A 126 7.90 23.66 21.49
C VAL A 126 8.55 22.29 21.19
N ALA A 127 8.78 21.48 22.21
CA ALA A 127 9.34 20.12 22.03
C ALA A 127 8.50 19.26 21.10
N HIS A 128 7.20 19.17 21.38
CA HIS A 128 6.20 18.46 20.56
C HIS A 128 6.07 19.03 19.16
N HIS A 129 6.15 20.35 19.03
CA HIS A 129 6.14 21.04 17.72
C HIS A 129 7.34 20.60 16.89
N TYR A 130 8.51 20.57 17.54
CA TYR A 130 9.76 20.14 16.89
C TYR A 130 9.65 18.67 16.42
N VAL A 131 9.35 17.77 17.35
CA VAL A 131 9.21 16.37 17.01
C VAL A 131 8.28 16.12 15.80
N ARG A 132 7.05 16.66 15.82
CA ARG A 132 6.11 16.37 14.78
C ARG A 132 6.42 17.11 13.48
N TYR A 133 6.49 18.44 13.55
CA TYR A 133 6.51 19.23 12.32
C TYR A 133 7.84 19.18 11.60
N LEU A 134 8.92 19.11 12.36
CA LEU A 134 10.22 18.97 11.70
C LEU A 134 10.43 17.56 11.13
N GLY A 135 9.79 16.57 11.75
CA GLY A 135 9.67 15.26 11.16
C GLY A 135 8.87 15.28 9.87
N ASP A 136 7.75 16.02 9.85
CA ASP A 136 6.94 16.15 8.64
C ASP A 136 7.72 16.84 7.55
N LEU A 137 8.33 17.97 7.87
CA LEU A 137 9.10 18.74 6.88
C LEU A 137 10.28 17.94 6.33
N SER A 138 10.89 17.11 7.17
CA SER A 138 12.15 16.44 6.82
C SER A 138 11.96 15.15 6.05
N GLY A 139 11.04 14.31 6.50
CA GLY A 139 10.86 12.99 5.95
C GLY A 139 9.51 12.70 5.33
N GLY A 140 8.64 13.71 5.33
CA GLY A 140 7.29 13.57 4.80
C GLY A 140 7.26 13.20 3.35
N GLN A 141 8.15 13.81 2.57
CA GLN A 141 8.28 13.53 1.13
C GLN A 141 8.67 12.09 0.83
N VAL A 142 9.55 11.53 1.64
CA VAL A 142 9.91 10.13 1.55
C VAL A 142 8.65 9.25 1.82
N ILE A 143 7.94 9.57 2.90
CA ILE A 143 6.76 8.76 3.24
C ILE A 143 5.69 8.87 2.17
N ALA A 144 5.35 10.08 1.73
CA ALA A 144 4.41 10.26 0.62
C ALA A 144 4.78 9.45 -0.65
N ARG A 145 6.06 9.55 -1.07
CA ARG A 145 6.57 8.80 -2.21
C ARG A 145 6.37 7.30 -2.02
N MET A 146 6.69 6.80 -0.83
CA MET A 146 6.48 5.39 -0.53
C MET A 146 4.99 4.94 -0.56
N MET A 147 4.09 5.84 -0.17
CA MET A 147 2.66 5.50 -0.14
C MET A 147 2.14 5.43 -1.55
N GLN A 148 2.64 6.28 -2.45
CA GLN A 148 2.24 6.05 -3.85
C GLN A 148 2.90 4.82 -4.48
N ARG A 149 4.21 4.63 -4.24
CA ARG A 149 4.95 3.49 -4.83
C ARG A 149 4.34 2.17 -4.44
N HIS A 150 4.04 2.03 -3.16
CA HIS A 150 3.68 0.73 -2.63
C HIS A 150 2.19 0.50 -2.61
N TYR A 151 1.42 1.54 -2.30
CA TYR A 151 -0.02 1.40 -2.05
C TYR A 151 -0.90 2.19 -3.02
N GLY A 152 -0.30 2.82 -4.02
CA GLY A 152 -1.11 3.46 -5.06
C GLY A 152 -1.99 4.60 -4.54
N VAL A 153 -1.57 5.25 -3.46
CA VAL A 153 -2.40 6.30 -2.82
C VAL A 153 -2.45 7.52 -3.72
N ASP A 154 -3.67 7.99 -3.94
CA ASP A 154 -3.91 9.18 -4.75
C ASP A 154 -3.11 10.37 -4.17
N PRO A 155 -2.31 11.07 -5.02
CA PRO A 155 -1.48 12.18 -4.51
C PRO A 155 -2.39 13.22 -3.83
N GLU A 156 -3.64 13.33 -4.29
CA GLU A 156 -4.61 14.22 -3.66
C GLU A 156 -4.99 13.83 -2.24
N ALA A 157 -4.77 12.57 -1.88
CA ALA A 157 -4.99 12.11 -0.49
C ALA A 157 -3.69 12.12 0.34
N LEU A 158 -2.68 12.83 -0.14
CA LEU A 158 -1.44 13.04 0.60
C LEU A 158 -1.22 14.53 0.86
N GLY A 159 -2.34 15.25 0.98
CA GLY A 159 -2.31 16.67 1.34
C GLY A 159 -1.54 16.89 2.64
N PHE A 160 -1.59 15.93 3.55
CA PHE A 160 -0.81 16.01 4.81
C PHE A 160 0.69 16.32 4.62
N TYR A 161 1.27 15.77 3.56
CA TYR A 161 2.71 15.85 3.29
C TYR A 161 3.05 17.05 2.40
N HIS A 162 2.06 17.88 2.10
CA HIS A 162 2.31 19.08 1.32
C HIS A 162 1.99 20.31 2.17
N PHE A 163 2.94 21.24 2.26
CA PHE A 163 2.70 22.50 2.96
C PHE A 163 2.45 23.66 1.97
N GLU A 164 1.18 23.97 1.74
CA GLU A 164 0.79 25.04 0.83
C GLU A 164 1.48 26.35 1.16
N GLY A 165 1.50 26.72 2.44
CA GLY A 165 2.03 28.04 2.79
C GLY A 165 3.54 28.26 2.64
N ILE A 166 4.27 27.24 2.16
CA ILE A 166 5.74 27.15 2.27
C ILE A 166 6.40 26.89 0.91
N ALA A 167 7.09 27.89 0.39
CA ALA A 167 7.70 27.84 -0.95
C ALA A 167 8.76 26.74 -1.05
N LYS A 168 9.79 26.82 -0.21
CA LYS A 168 10.92 25.87 -0.28
C LYS A 168 11.24 25.25 1.08
N LEU A 169 11.11 23.93 1.16
CA LEU A 169 11.24 23.20 2.43
C LEU A 169 12.61 23.30 3.07
N LYS A 170 13.63 23.49 2.22
CA LYS A 170 15.01 23.51 2.69
C LYS A 170 15.26 24.78 3.49
N VAL A 171 15.04 25.92 2.84
CA VAL A 171 15.11 27.23 3.48
C VAL A 171 14.25 27.28 4.76
N TYR A 172 13.04 26.70 4.68
CA TYR A 172 12.11 26.74 5.80
C TYR A 172 12.66 25.99 7.03
N LYS A 173 13.12 24.75 6.80
CA LYS A 173 13.75 23.94 7.86
C LYS A 173 14.95 24.64 8.50
N ASP A 174 15.78 25.26 7.65
CA ASP A 174 16.94 26.01 8.14
C ASP A 174 16.50 27.16 9.03
N GLU A 175 15.52 27.92 8.57
CA GLU A 175 14.95 29.04 9.36
C GLU A 175 14.26 28.59 10.66
N TYR A 176 13.54 27.46 10.59
CA TYR A 176 12.96 26.81 11.75
C TYR A 176 14.05 26.51 12.80
N ARG A 177 15.12 25.83 12.39
CA ARG A 177 16.24 25.58 13.32
C ARG A 177 16.80 26.89 13.94
N GLU A 178 16.94 27.94 13.13
CA GLU A 178 17.36 29.25 13.62
C GLU A 178 16.41 29.88 14.64
N LYS A 179 15.11 29.71 14.43
CA LYS A 179 14.13 30.15 15.41
C LYS A 179 14.30 29.42 16.74
N LEU A 180 14.51 28.11 16.69
CA LEU A 180 14.81 27.35 17.90
C LEU A 180 15.99 27.96 18.62
N ASN A 181 17.08 28.15 17.88
CA ASN A 181 18.34 28.70 18.41
C ASN A 181 18.15 30.07 19.03
N ASN A 182 17.17 30.81 18.51
CA ASN A 182 16.91 32.19 18.97
C ASN A 182 15.88 32.32 20.09
N LEU A 183 15.34 31.19 20.57
CA LEU A 183 14.37 31.19 21.68
C LEU A 183 15.09 31.53 22.95
N GLU A 184 14.64 32.57 23.62
CA GLU A 184 15.25 32.93 24.90
C GLU A 184 14.66 31.96 25.91
N LEU A 185 15.49 31.10 26.47
CA LEU A 185 15.01 30.12 27.45
C LEU A 185 15.91 30.09 28.66
N SER A 186 15.31 30.00 29.84
CA SER A 186 16.08 29.76 31.05
C SER A 186 16.60 28.32 31.03
N ASP A 187 17.58 28.01 31.88
CA ASP A 187 18.05 26.64 32.02
C ASP A 187 16.91 25.70 32.37
N GLU A 188 16.05 26.11 33.30
CA GLU A 188 14.92 25.24 33.70
C GLU A 188 13.96 24.94 32.52
N GLN A 189 13.65 25.96 31.71
CA GLN A 189 12.81 25.84 30.49
C GLN A 189 13.46 24.98 29.41
N ARG A 190 14.75 25.20 29.21
CA ARG A 190 15.50 24.44 28.19
C ARG A 190 15.54 22.95 28.52
N GLU A 191 15.82 22.64 29.79
CA GLU A 191 15.87 21.25 30.26
C GLU A 191 14.50 20.53 30.24
N HIS A 192 13.47 21.28 30.55
CA HIS A 192 12.08 20.83 30.52
C HIS A 192 11.73 20.50 29.06
N LEU A 193 12.13 21.38 28.14
CA LEU A 193 11.89 21.19 26.69
C LEU A 193 12.62 19.95 26.18
N LEU A 194 13.89 19.79 26.54
CA LEU A 194 14.71 18.67 26.04
C LEU A 194 14.13 17.35 26.50
N LYS A 195 13.80 17.28 27.78
CA LYS A 195 13.21 16.05 28.32
C LYS A 195 11.90 15.76 27.60
N GLU A 196 11.09 16.81 27.41
CA GLU A 196 9.83 16.66 26.71
C GLU A 196 9.98 16.13 25.29
N ALA A 197 11.03 16.55 24.62
CA ALA A 197 11.25 16.13 23.24
C ALA A 197 11.55 14.63 23.13
N THR A 198 12.25 14.07 24.11
CA THR A 198 12.45 12.62 24.17
C THR A 198 11.12 11.90 24.44
N ASP A 199 10.35 12.43 25.38
CA ASP A 199 8.99 11.96 25.66
C ASP A 199 8.13 11.91 24.43
N ALA A 200 8.22 12.93 23.58
CA ALA A 200 7.43 13.01 22.38
C ALA A 200 7.82 11.91 21.40
N PHE A 201 9.11 11.69 21.23
CA PHE A 201 9.56 10.58 20.41
C PHE A 201 9.07 9.24 20.94
N VAL A 202 9.14 9.05 22.25
CA VAL A 202 8.62 7.83 22.87
C VAL A 202 7.12 7.65 22.58
N PHE A 203 6.32 8.71 22.75
CA PHE A 203 4.89 8.63 22.44
C PHE A 203 4.66 8.17 21.02
N ASN A 204 5.42 8.72 20.07
CA ASN A 204 5.20 8.33 18.69
C ASN A 204 5.56 6.89 18.40
N HIS A 205 6.64 6.44 19.01
CA HIS A 205 7.06 5.05 18.89
C HIS A 205 5.90 4.16 19.36
N GLN A 206 5.32 4.52 20.51
CA GLN A 206 4.21 3.72 21.08
C GLN A 206 2.94 3.73 20.23
N VAL A 207 2.67 4.86 19.58
CA VAL A 207 1.67 4.94 18.53
C VAL A 207 1.92 3.89 17.43
N PHE A 208 3.14 3.83 16.91
CA PHE A 208 3.47 2.84 15.86
C PHE A 208 3.30 1.41 16.38
N ALA A 209 3.77 1.15 17.59
CA ALA A 209 3.61 -0.15 18.22
C ALA A 209 2.16 -0.61 18.22
N ASP A 210 1.26 0.29 18.60
CA ASP A 210 -0.14 -0.03 18.65
C ASP A 210 -0.63 -0.37 17.27
N LEU A 211 -0.23 0.44 16.28
CA LEU A 211 -0.69 0.25 14.91
C LEU A 211 -0.27 -1.09 14.33
N GLY A 212 0.84 -1.62 14.85
CA GLY A 212 1.43 -2.86 14.34
C GLY A 212 0.91 -4.11 15.02
N LYS A 213 0.10 -3.94 16.07
CA LYS A 213 -0.36 -5.11 16.83
C LYS A 213 -1.29 -5.93 15.96
N GLY A 214 -0.96 -7.22 15.84
CA GLY A 214 -1.76 -8.18 15.09
C GLY A 214 -1.74 -8.05 13.57
N LEU A 215 -0.75 -7.38 13.00
CA LEU A 215 -0.73 -7.31 11.55
C LEU A 215 -0.19 -8.64 10.97
N GLY B 7 11.39 0.75 -23.26
CA GLY B 7 10.07 1.20 -22.73
C GLY B 7 9.58 0.35 -21.58
N LEU B 8 8.30 0.55 -21.19
CA LEU B 8 7.75 -0.16 -20.01
C LEU B 8 7.69 -1.67 -20.15
N ALA B 9 7.30 -2.18 -21.33
CA ALA B 9 7.14 -3.66 -21.47
C ALA B 9 8.44 -4.36 -21.11
N VAL B 10 9.52 -3.79 -21.59
CA VAL B 10 10.86 -4.36 -21.38
C VAL B 10 11.27 -4.26 -19.92
N GLU B 11 11.11 -3.07 -19.34
CA GLU B 11 11.46 -2.83 -17.94
C GLU B 11 10.61 -3.72 -17.06
N LEU B 12 9.35 -3.87 -17.43
CA LEU B 12 8.41 -4.76 -16.74
C LEU B 12 8.91 -6.19 -16.73
N LYS B 13 9.29 -6.73 -17.89
CA LYS B 13 9.86 -8.08 -17.92
C LYS B 13 11.12 -8.20 -17.05
N GLN B 14 12.01 -7.22 -17.20
CA GLN B 14 13.30 -7.23 -16.50
C GLN B 14 13.14 -7.08 -15.00
N SER B 15 12.28 -6.16 -14.61
CA SER B 15 12.01 -5.89 -13.19
C SER B 15 11.42 -7.08 -12.45
N THR B 16 10.60 -7.87 -13.15
CA THR B 16 9.93 -9.04 -12.54
C THR B 16 10.65 -10.36 -12.77
N ALA B 17 11.81 -10.30 -13.43
CA ALA B 17 12.48 -11.50 -13.92
C ALA B 17 12.72 -12.54 -12.83
N GLN B 18 13.25 -12.09 -11.70
CA GLN B 18 13.52 -12.98 -10.57
C GLN B 18 12.28 -13.69 -10.01
N ALA B 19 11.27 -12.90 -9.59
CA ALA B 19 10.00 -13.42 -9.10
C ALA B 19 9.32 -14.35 -10.12
N HIS B 20 9.43 -13.98 -11.40
CA HIS B 20 8.78 -14.74 -12.47
C HIS B 20 9.41 -16.13 -12.58
N GLU B 21 10.74 -16.19 -12.60
CA GLU B 21 11.48 -17.44 -12.70
C GLU B 21 11.15 -18.33 -11.50
N LYS B 22 11.06 -17.73 -10.31
CA LYS B 22 10.75 -18.46 -9.10
C LYS B 22 9.33 -19.05 -9.20
N ALA B 23 8.40 -18.26 -9.73
CA ALA B 23 7.00 -18.67 -9.84
C ALA B 23 6.85 -19.78 -10.88
N GLU B 24 7.59 -19.68 -11.98
CA GLU B 24 7.55 -20.68 -13.04
C GLU B 24 8.11 -22.01 -12.61
N HIS B 25 9.07 -21.98 -11.70
CA HIS B 25 9.78 -23.19 -11.33
C HIS B 25 9.30 -23.82 -10.04
N SER B 26 8.06 -23.51 -9.65
CA SER B 26 7.44 -24.18 -8.53
C SER B 26 7.40 -25.67 -8.81
N THR B 27 7.62 -26.45 -7.78
CA THR B 27 7.58 -27.88 -7.90
C THR B 27 6.24 -28.37 -8.39
N PHE B 28 5.15 -27.85 -7.80
CA PHE B 28 3.83 -28.25 -8.20
C PHE B 28 3.62 -27.98 -9.70
N MET B 29 3.92 -26.78 -10.15
CA MET B 29 3.70 -26.50 -11.56
C MET B 29 4.65 -27.29 -12.45
N SER B 30 5.91 -27.44 -12.03
CA SER B 30 6.88 -28.26 -12.79
C SER B 30 6.38 -29.72 -12.91
N ASP B 31 5.98 -30.31 -11.78
CA ASP B 31 5.49 -31.69 -11.80
C ASP B 31 4.19 -31.85 -12.64
N LEU B 32 3.28 -30.90 -12.52
CA LEU B 32 2.02 -30.94 -13.32
C LEU B 32 2.31 -30.97 -14.82
N LEU B 33 3.11 -30.01 -15.27
CA LEU B 33 3.50 -29.89 -16.69
C LEU B 33 4.35 -31.03 -17.28
N LYS B 34 5.17 -31.70 -16.46
CA LYS B 34 6.00 -32.83 -16.94
C LYS B 34 5.29 -34.19 -16.90
N GLY B 35 4.05 -34.23 -16.39
CA GLY B 35 3.23 -35.45 -16.40
C GLY B 35 3.29 -36.28 -15.13
N ARG B 36 3.82 -35.69 -14.05
CA ARG B 36 3.99 -36.45 -12.79
C ARG B 36 2.74 -36.38 -11.90
N LEU B 37 1.82 -35.47 -12.21
CA LEU B 37 0.62 -35.34 -11.38
C LEU B 37 -0.60 -35.99 -12.07
N GLY B 38 -1.64 -35.21 -12.35
CA GLY B 38 -2.87 -35.81 -12.89
C GLY B 38 -4.00 -34.83 -12.98
N VAL B 39 -5.16 -35.30 -13.46
CA VAL B 39 -6.32 -34.45 -13.64
C VAL B 39 -6.79 -33.82 -12.36
N ALA B 40 -6.65 -34.58 -11.26
CA ALA B 40 -7.09 -34.17 -9.96
C ALA B 40 -6.37 -32.95 -9.50
N GLU B 41 -5.03 -32.95 -9.62
CA GLU B 41 -4.24 -31.77 -9.29
C GLU B 41 -4.51 -30.61 -10.21
N PHE B 42 -4.66 -30.91 -11.48
CA PHE B 42 -5.05 -29.84 -12.43
C PHE B 42 -6.41 -29.19 -12.00
N THR B 43 -7.37 -30.02 -11.60
CA THR B 43 -8.67 -29.51 -11.17
C THR B 43 -8.55 -28.65 -9.91
N ARG B 44 -7.75 -29.10 -8.94
CA ARG B 44 -7.47 -28.27 -7.75
C ARG B 44 -6.90 -26.90 -8.08
N LEU B 45 -5.94 -26.86 -9.00
CA LEU B 45 -5.41 -25.59 -9.53
C LEU B 45 -6.52 -24.69 -10.06
N GLN B 46 -7.36 -25.25 -10.92
CA GLN B 46 -8.43 -24.49 -11.58
C GLN B 46 -9.50 -23.97 -10.63
N GLU B 47 -9.75 -24.71 -9.56
CA GLU B 47 -10.70 -24.26 -8.54
C GLU B 47 -10.10 -23.10 -7.77
N GLN B 48 -8.82 -23.16 -7.42
CA GLN B 48 -8.20 -21.99 -6.79
C GLN B 48 -8.15 -20.83 -7.77
N ALA B 49 -7.84 -21.10 -9.04
CA ALA B 49 -7.86 -20.03 -10.10
C ALA B 49 -9.23 -19.36 -10.25
N TRP B 50 -10.28 -20.14 -10.12
CA TRP B 50 -11.60 -19.54 -10.29
C TRP B 50 -11.80 -18.48 -9.16
N LEU B 51 -11.38 -18.81 -7.96
CA LEU B 51 -11.47 -17.88 -6.83
C LEU B 51 -10.68 -16.61 -7.09
N PHE B 52 -9.43 -16.74 -7.57
CA PHE B 52 -8.70 -15.49 -7.81
C PHE B 52 -9.03 -14.77 -9.11
N TYR B 53 -9.41 -15.48 -10.17
CA TYR B 53 -9.87 -14.80 -11.39
C TYR B 53 -11.16 -14.00 -11.14
N THR B 54 -11.99 -14.54 -10.26
CA THR B 54 -13.24 -13.86 -9.90
C THR B 54 -12.91 -12.51 -9.27
N ALA B 55 -12.03 -12.53 -8.28
CA ALA B 55 -11.53 -11.29 -7.66
C ALA B 55 -10.81 -10.39 -8.68
N LEU B 56 -9.88 -10.95 -9.45
CA LEU B 56 -9.19 -10.16 -10.52
C LEU B 56 -10.14 -9.41 -11.45
N GLU B 57 -11.19 -10.09 -11.92
CA GLU B 57 -12.04 -9.47 -12.95
C GLU B 57 -13.01 -8.44 -12.34
N GLN B 58 -13.30 -8.56 -11.05
CA GLN B 58 -14.02 -7.47 -10.32
C GLN B 58 -13.18 -6.19 -10.24
N ALA B 59 -11.89 -6.38 -10.02
CA ALA B 59 -10.95 -5.27 -9.98
C ALA B 59 -10.80 -4.67 -11.37
N VAL B 60 -10.69 -5.54 -12.38
CA VAL B 60 -10.58 -5.12 -13.75
C VAL B 60 -11.84 -4.34 -14.15
N ASP B 61 -13.03 -4.89 -13.88
CA ASP B 61 -14.29 -4.14 -14.13
C ASP B 61 -14.33 -2.73 -13.47
N ALA B 62 -13.93 -2.62 -12.20
CA ALA B 62 -13.91 -1.31 -11.49
C ALA B 62 -12.92 -0.35 -12.18
N VAL B 63 -11.73 -0.85 -12.53
CA VAL B 63 -10.70 0.01 -13.10
C VAL B 63 -11.08 0.43 -14.52
N ARG B 64 -11.56 -0.51 -15.34
CA ARG B 64 -12.05 -0.14 -16.69
C ARG B 64 -13.17 0.88 -16.56
N ALA B 65 -14.16 0.64 -15.69
CA ALA B 65 -15.26 1.60 -15.50
C ALA B 65 -14.73 3.01 -15.18
N SER B 66 -13.63 3.08 -14.42
CA SER B 66 -13.04 4.38 -14.02
C SER B 66 -12.38 5.17 -15.16
N GLY B 67 -12.24 4.50 -16.31
CA GLY B 67 -11.62 5.06 -17.51
C GLY B 67 -10.12 4.89 -17.63
N PHE B 68 -9.50 4.09 -16.78
CA PHE B 68 -8.05 3.89 -16.81
C PHE B 68 -7.66 2.67 -17.66
N ALA B 69 -6.74 2.86 -18.61
CA ALA B 69 -6.17 1.74 -19.38
C ALA B 69 -7.23 0.91 -20.12
N GLU B 70 -8.31 1.59 -20.55
CA GLU B 70 -9.44 0.92 -21.20
C GLU B 70 -9.03 -0.03 -22.32
N SER B 71 -8.18 0.43 -23.23
CA SER B 71 -7.80 -0.41 -24.39
C SER B 71 -7.01 -1.68 -24.02
N LEU B 72 -6.35 -1.69 -22.85
CA LEU B 72 -5.68 -2.91 -22.36
C LEU B 72 -6.64 -3.90 -21.76
N LEU B 73 -7.67 -3.37 -21.12
CA LEU B 73 -8.59 -4.17 -20.30
C LEU B 73 -9.69 -4.79 -21.17
N ASP B 74 -9.25 -5.55 -22.18
CA ASP B 74 -10.18 -6.19 -23.15
C ASP B 74 -11.07 -7.16 -22.42
N PRO B 75 -12.41 -6.98 -22.50
CA PRO B 75 -13.35 -7.90 -21.88
C PRO B 75 -13.27 -9.32 -22.46
N ALA B 76 -12.70 -9.47 -23.65
CA ALA B 76 -12.55 -10.81 -24.24
C ALA B 76 -11.66 -11.71 -23.39
N LEU B 77 -10.83 -11.09 -22.56
CA LEU B 77 -9.94 -11.88 -21.72
C LEU B 77 -10.63 -12.50 -20.55
N ASN B 78 -11.83 -12.02 -20.19
CA ASN B 78 -12.56 -12.57 -19.02
C ASN B 78 -12.59 -14.10 -19.03
N ARG B 79 -12.22 -14.70 -17.89
CA ARG B 79 -12.02 -16.14 -17.75
C ARG B 79 -12.95 -16.80 -16.74
N ALA B 80 -13.52 -16.03 -15.78
CA ALA B 80 -14.22 -16.67 -14.65
C ALA B 80 -15.37 -17.54 -15.12
N GLU B 81 -16.16 -17.04 -16.07
CA GLU B 81 -17.32 -17.81 -16.56
C GLU B 81 -16.92 -19.08 -17.31
N VAL B 82 -15.95 -18.94 -18.22
CA VAL B 82 -15.40 -20.08 -18.98
C VAL B 82 -14.80 -21.12 -18.03
N LEU B 83 -14.09 -20.62 -17.03
CA LEU B 83 -13.48 -21.50 -16.04
C LEU B 83 -14.47 -22.30 -15.21
N ALA B 84 -15.53 -21.64 -14.73
CA ALA B 84 -16.60 -22.37 -14.02
C ALA B 84 -17.17 -23.51 -14.89
N ARG B 85 -17.39 -23.26 -16.19
CA ARG B 85 -17.85 -24.33 -17.05
C ARG B 85 -16.80 -25.45 -17.15
N ASP B 86 -15.49 -25.09 -17.24
CA ASP B 86 -14.40 -26.08 -17.20
C ASP B 86 -14.52 -26.90 -15.91
N LEU B 87 -14.79 -26.22 -14.80
CA LEU B 87 -14.92 -26.88 -13.52
C LEU B 87 -16.14 -27.80 -13.41
N ASP B 88 -17.27 -27.36 -14.00
CA ASP B 88 -18.44 -28.24 -14.08
C ASP B 88 -18.08 -29.52 -14.82
N LYS B 89 -17.34 -29.39 -15.92
CA LYS B 89 -16.89 -30.56 -16.67
C LYS B 89 -15.86 -31.42 -15.95
N LEU B 90 -14.88 -30.82 -15.30
CA LEU B 90 -13.91 -31.61 -14.51
C LEU B 90 -14.51 -32.32 -13.30
N ASN B 91 -15.46 -31.67 -12.65
CA ASN B 91 -16.02 -32.22 -11.40
C ASN B 91 -17.32 -32.99 -11.60
N GLY B 92 -17.88 -32.92 -12.81
CA GLY B 92 -19.08 -33.70 -13.14
C GLY B 92 -20.38 -33.01 -12.73
N SER B 93 -20.28 -31.84 -12.10
CA SER B 93 -21.44 -31.09 -11.63
C SER B 93 -20.98 -29.78 -11.01
N SER B 94 -21.95 -29.00 -10.53
CA SER B 94 -21.68 -27.75 -9.87
C SER B 94 -21.37 -27.94 -8.37
N GLU B 95 -21.21 -29.18 -7.92
CA GLU B 95 -20.84 -29.48 -6.52
C GLU B 95 -19.70 -28.60 -5.99
N TRP B 96 -18.72 -28.31 -6.84
CA TRP B 96 -17.51 -27.63 -6.43
C TRP B 96 -17.81 -26.25 -5.85
N ARG B 97 -18.86 -25.59 -6.33
CA ARG B 97 -19.17 -24.23 -5.89
C ARG B 97 -19.35 -24.09 -4.38
N SER B 98 -19.92 -25.11 -3.74
CA SER B 98 -20.07 -25.05 -2.29
C SER B 98 -19.07 -25.92 -1.55
N ARG B 99 -18.20 -26.62 -2.27
CA ARG B 99 -17.14 -27.41 -1.63
C ARG B 99 -15.85 -26.60 -1.47
N ILE B 100 -15.44 -25.87 -2.50
CA ILE B 100 -14.08 -25.32 -2.51
C ILE B 100 -13.87 -24.18 -1.54
N THR B 101 -12.63 -24.01 -1.11
CA THR B 101 -12.27 -22.92 -0.23
C THR B 101 -10.87 -22.40 -0.57
N ALA B 102 -10.68 -21.09 -0.45
CA ALA B 102 -9.39 -20.50 -0.79
C ALA B 102 -8.30 -21.05 0.12
N SER B 103 -7.19 -21.47 -0.47
CA SER B 103 -6.01 -21.85 0.32
C SER B 103 -5.45 -20.58 1.01
N PRO B 104 -4.60 -20.75 2.03
CA PRO B 104 -4.02 -19.53 2.63
C PRO B 104 -3.42 -18.54 1.66
N ALA B 105 -2.64 -19.04 0.70
CA ALA B 105 -2.02 -18.18 -0.34
C ALA B 105 -3.07 -17.47 -1.20
N VAL B 106 -4.17 -18.17 -1.47
CA VAL B 106 -5.21 -17.61 -2.33
C VAL B 106 -5.99 -16.53 -1.55
N ILE B 107 -6.19 -16.78 -0.26
CA ILE B 107 -6.77 -15.73 0.58
C ILE B 107 -5.97 -14.44 0.47
N ASP B 108 -4.64 -14.52 0.63
CA ASP B 108 -3.83 -13.30 0.50
C ASP B 108 -3.90 -12.64 -0.87
N TYR B 109 -3.95 -13.47 -1.90
CA TYR B 109 -3.99 -12.95 -3.27
C TYR B 109 -5.32 -12.28 -3.56
N VAL B 110 -6.42 -12.96 -3.23
CA VAL B 110 -7.75 -12.34 -3.31
C VAL B 110 -7.83 -11.03 -2.48
N ASN B 111 -7.30 -11.01 -1.26
CA ASN B 111 -7.24 -9.76 -0.47
C ASN B 111 -6.62 -8.58 -1.25
N ARG B 112 -5.50 -8.83 -1.92
CA ARG B 112 -4.80 -7.78 -2.68
C ARG B 112 -5.67 -7.35 -3.81
N LEU B 113 -6.29 -8.32 -4.51
CA LEU B 113 -7.11 -7.96 -5.70
C LEU B 113 -8.33 -7.18 -5.26
N GLU B 114 -8.88 -7.51 -4.09
CA GLU B 114 -10.02 -6.77 -3.54
C GLU B 114 -9.67 -5.34 -3.09
N GLU B 115 -8.47 -5.17 -2.54
CA GLU B 115 -7.95 -3.88 -2.10
C GLU B 115 -7.70 -3.00 -3.33
N ILE B 116 -7.15 -3.63 -4.35
CA ILE B 116 -6.96 -2.95 -5.61
C ILE B 116 -8.30 -2.44 -6.17
N ARG B 117 -9.32 -3.32 -6.18
CA ARG B 117 -10.67 -2.95 -6.56
C ARG B 117 -11.18 -1.82 -5.69
N ASP B 118 -11.07 -1.95 -4.37
CA ASP B 118 -11.59 -0.92 -3.46
C ASP B 118 -10.97 0.50 -3.63
N ASN B 119 -9.67 0.54 -3.88
CA ASN B 119 -8.91 1.77 -4.01
C ASN B 119 -8.95 2.21 -5.49
N VAL B 120 -9.66 1.44 -6.31
CA VAL B 120 -9.67 1.60 -7.77
C VAL B 120 -8.23 1.95 -8.23
N ASP B 121 -7.30 1.05 -7.95
CA ASP B 121 -5.87 1.30 -8.19
C ASP B 121 -5.50 0.87 -9.63
N GLY B 122 -5.53 1.81 -10.55
CA GLY B 122 -5.34 1.49 -11.98
C GLY B 122 -3.99 0.80 -12.27
N PRO B 123 -2.87 1.48 -11.94
CA PRO B 123 -1.52 0.89 -12.09
C PRO B 123 -1.36 -0.52 -11.50
N ALA B 124 -1.87 -0.70 -10.28
CA ALA B 124 -1.80 -2.00 -9.62
C ALA B 124 -2.57 -3.06 -10.41
N LEU B 125 -3.76 -2.68 -10.89
CA LEU B 125 -4.59 -3.60 -11.59
C LEU B 125 -3.89 -4.02 -12.90
N VAL B 126 -3.31 -3.07 -13.64
CA VAL B 126 -2.63 -3.39 -14.88
C VAL B 126 -1.51 -4.37 -14.65
N ALA B 127 -0.73 -4.20 -13.57
CA ALA B 127 0.30 -5.15 -13.17
C ALA B 127 -0.24 -6.57 -13.06
N HIS B 128 -1.35 -6.68 -12.31
CA HIS B 128 -1.94 -8.01 -12.04
C HIS B 128 -2.57 -8.67 -13.26
N HIS B 129 -3.09 -7.83 -14.16
CA HIS B 129 -3.71 -8.18 -15.44
C HIS B 129 -2.64 -8.73 -16.38
N TYR B 130 -1.53 -8.00 -16.53
CA TYR B 130 -0.40 -8.47 -17.33
C TYR B 130 0.10 -9.84 -16.83
N VAL B 131 0.36 -9.94 -15.53
CA VAL B 131 0.90 -11.19 -14.98
C VAL B 131 -0.01 -12.39 -15.32
N ARG B 132 -1.30 -12.31 -14.99
CA ARG B 132 -2.19 -13.44 -15.27
C ARG B 132 -2.47 -13.66 -16.73
N TYR B 133 -2.94 -12.63 -17.43
CA TYR B 133 -3.36 -12.85 -18.84
C TYR B 133 -2.26 -13.07 -19.82
N LEU B 134 -1.15 -12.33 -19.69
CA LEU B 134 -0.01 -12.61 -20.56
C LEU B 134 0.56 -14.00 -20.33
N GLY B 135 0.51 -14.45 -19.08
CA GLY B 135 0.91 -15.84 -18.75
C GLY B 135 -0.01 -16.84 -19.42
N ASP B 136 -1.32 -16.59 -19.31
CA ASP B 136 -2.34 -17.46 -19.98
C ASP B 136 -2.14 -17.62 -21.46
N LEU B 137 -1.75 -16.54 -22.12
CA LEU B 137 -1.63 -16.50 -23.57
C LEU B 137 -0.28 -17.07 -24.00
N SER B 138 0.54 -17.50 -23.03
CA SER B 138 1.86 -18.01 -23.34
C SER B 138 2.08 -19.36 -22.64
N GLY B 139 2.52 -19.33 -21.38
CA GLY B 139 2.65 -20.58 -20.56
C GLY B 139 1.36 -21.39 -20.44
N GLY B 140 0.21 -20.72 -20.41
CA GLY B 140 -1.10 -21.41 -20.34
C GLY B 140 -1.38 -22.29 -21.54
N GLN B 141 -0.93 -21.87 -22.72
CA GLN B 141 -1.02 -22.67 -23.91
C GLN B 141 -0.25 -23.99 -23.82
N VAL B 142 0.90 -23.96 -23.13
CA VAL B 142 1.71 -25.16 -22.91
C VAL B 142 0.92 -26.03 -21.95
N ILE B 143 0.44 -25.44 -20.86
CA ILE B 143 -0.41 -26.17 -19.92
C ILE B 143 -1.60 -26.86 -20.63
N ALA B 144 -2.35 -26.16 -21.49
CA ALA B 144 -3.47 -26.84 -22.12
C ALA B 144 -3.02 -28.03 -22.93
N ARG B 145 -1.96 -27.87 -23.73
CA ARG B 145 -1.50 -28.93 -24.59
C ARG B 145 -1.09 -30.15 -23.75
N MET B 146 -0.43 -29.87 -22.63
CA MET B 146 0.07 -30.94 -21.75
C MET B 146 -0.96 -31.67 -20.92
N MET B 147 -1.99 -30.96 -20.48
CA MET B 147 -3.11 -31.55 -19.79
C MET B 147 -3.78 -32.58 -20.69
N GLN B 148 -3.91 -32.27 -21.99
CA GLN B 148 -4.46 -33.22 -22.92
C GLN B 148 -3.47 -34.39 -23.19
N ARG B 149 -2.23 -34.06 -23.53
CA ARG B 149 -1.25 -35.09 -23.83
C ARG B 149 -0.86 -35.98 -22.66
N HIS B 150 -0.54 -35.38 -21.51
CA HIS B 150 -0.10 -36.20 -20.35
C HIS B 150 -1.25 -36.93 -19.68
N TYR B 151 -2.38 -36.23 -19.50
CA TYR B 151 -3.45 -36.72 -18.62
C TYR B 151 -4.73 -37.06 -19.34
N GLY B 152 -4.77 -36.86 -20.64
CA GLY B 152 -5.97 -37.15 -21.42
C GLY B 152 -7.17 -36.28 -21.06
N VAL B 153 -6.94 -35.05 -20.59
CA VAL B 153 -8.06 -34.12 -20.30
C VAL B 153 -8.76 -33.75 -21.60
N ASP B 154 -10.09 -33.76 -21.60
CA ASP B 154 -10.79 -33.43 -22.82
C ASP B 154 -10.71 -31.92 -22.95
N PRO B 155 -10.33 -31.44 -24.15
CA PRO B 155 -10.21 -29.98 -24.37
C PRO B 155 -11.51 -29.22 -24.13
N GLU B 156 -12.61 -29.95 -24.00
CA GLU B 156 -13.85 -29.35 -23.53
C GLU B 156 -13.77 -28.78 -22.10
N ALA B 157 -12.86 -29.33 -21.28
CA ALA B 157 -12.57 -28.88 -19.93
C ALA B 157 -11.31 -27.99 -19.92
N LEU B 158 -10.91 -27.47 -21.09
CA LEU B 158 -9.74 -26.60 -21.23
C LEU B 158 -10.13 -25.28 -21.93
N GLY B 159 -11.39 -24.88 -21.80
CA GLY B 159 -11.80 -23.63 -22.45
C GLY B 159 -11.13 -22.41 -21.86
N PHE B 160 -10.74 -22.53 -20.61
CA PHE B 160 -9.95 -21.50 -19.94
C PHE B 160 -8.78 -21.00 -20.80
N TYR B 161 -8.14 -21.89 -21.54
CA TYR B 161 -6.94 -21.53 -22.29
C TYR B 161 -7.27 -21.09 -23.71
N HIS B 162 -8.54 -21.17 -24.06
CA HIS B 162 -8.96 -20.74 -25.37
C HIS B 162 -9.61 -19.39 -25.25
N PHE B 163 -9.12 -18.41 -25.99
CA PHE B 163 -9.67 -17.06 -25.93
C PHE B 163 -10.44 -16.73 -27.21
N GLU B 164 -11.76 -16.55 -27.10
CA GLU B 164 -12.63 -16.35 -28.26
C GLU B 164 -12.41 -14.96 -28.80
N GLY B 165 -12.46 -14.79 -30.12
CA GLY B 165 -12.35 -13.45 -30.69
C GLY B 165 -11.02 -12.81 -30.32
N ILE B 166 -10.05 -13.67 -30.03
CA ILE B 166 -8.64 -13.36 -30.13
C ILE B 166 -8.18 -14.40 -31.16
N ALA B 167 -7.92 -13.95 -32.39
CA ALA B 167 -7.52 -14.89 -33.46
C ALA B 167 -6.02 -15.26 -33.51
N LYS B 168 -5.13 -14.30 -33.28
CA LYS B 168 -3.68 -14.55 -33.35
C LYS B 168 -2.91 -14.09 -32.12
N LEU B 169 -2.43 -15.04 -31.34
CA LEU B 169 -1.81 -14.75 -30.02
C LEU B 169 -0.58 -13.86 -30.10
N LYS B 170 0.31 -14.13 -31.04
CA LYS B 170 1.50 -13.29 -31.17
C LYS B 170 1.16 -11.83 -31.47
N VAL B 171 0.20 -11.60 -32.37
CA VAL B 171 -0.21 -10.23 -32.66
C VAL B 171 -0.77 -9.57 -31.39
N TYR B 172 -1.61 -10.32 -30.68
CA TYR B 172 -2.29 -9.87 -29.47
C TYR B 172 -1.29 -9.49 -28.40
N LYS B 173 -0.33 -10.39 -28.15
CA LYS B 173 0.72 -10.08 -27.17
C LYS B 173 1.59 -8.86 -27.58
N ASP B 174 1.89 -8.71 -28.87
CA ASP B 174 2.69 -7.55 -29.34
C ASP B 174 1.94 -6.22 -29.15
N GLU B 175 0.66 -6.22 -29.48
CA GLU B 175 -0.17 -5.05 -29.28
C GLU B 175 -0.41 -4.71 -27.81
N TYR B 176 -0.56 -5.73 -26.98
CA TYR B 176 -0.61 -5.52 -25.53
C TYR B 176 0.62 -4.76 -25.04
N ARG B 177 1.81 -5.23 -25.42
CA ARG B 177 3.02 -4.59 -24.92
C ARG B 177 3.16 -3.18 -25.50
N GLU B 178 2.70 -2.96 -26.73
CA GLU B 178 2.69 -1.61 -27.29
C GLU B 178 1.78 -0.68 -26.47
N LYS B 179 0.60 -1.15 -26.10
CA LYS B 179 -0.29 -0.40 -25.21
C LYS B 179 0.36 -0.07 -23.84
N LEU B 180 1.06 -1.05 -23.26
CA LEU B 180 1.82 -0.78 -22.04
C LEU B 180 2.82 0.34 -22.24
N ASN B 181 3.65 0.21 -23.27
CA ASN B 181 4.54 1.27 -23.69
C ASN B 181 3.87 2.63 -23.89
N ASN B 182 2.59 2.64 -24.30
CA ASN B 182 1.90 3.93 -24.49
C ASN B 182 1.00 4.35 -23.34
N LEU B 183 0.98 3.60 -22.25
CA LEU B 183 0.18 3.99 -21.06
C LEU B 183 0.79 5.20 -20.39
N GLU B 184 -0.01 6.27 -20.19
CA GLU B 184 0.50 7.47 -19.51
C GLU B 184 0.45 7.28 -18.01
N LEU B 185 1.62 7.41 -17.40
CA LEU B 185 1.82 7.11 -16.00
C LEU B 185 2.75 8.14 -15.41
N SER B 186 2.49 8.54 -14.18
CA SER B 186 3.45 9.36 -13.46
C SER B 186 4.58 8.43 -13.03
N ASP B 187 5.71 9.02 -12.63
CA ASP B 187 6.83 8.21 -12.14
C ASP B 187 6.39 7.32 -11.00
N GLU B 188 5.63 7.85 -10.03
CA GLU B 188 5.13 7.03 -8.93
C GLU B 188 4.18 5.91 -9.38
N GLN B 189 3.30 6.20 -10.32
CA GLN B 189 2.38 5.15 -10.83
C GLN B 189 3.13 3.99 -11.49
N ARG B 190 4.18 4.35 -12.24
CA ARG B 190 5.00 3.37 -12.94
C ARG B 190 5.78 2.53 -11.95
N GLU B 191 6.40 3.17 -10.93
CA GLU B 191 7.01 2.40 -9.82
C GLU B 191 6.05 1.46 -9.12
N HIS B 192 4.84 1.96 -8.87
CA HIS B 192 3.77 1.15 -8.30
C HIS B 192 3.39 -0.07 -9.17
N LEU B 193 3.22 0.15 -10.46
CA LEU B 193 2.92 -0.94 -11.42
C LEU B 193 4.03 -2.03 -11.35
N LEU B 194 5.28 -1.58 -11.34
CA LEU B 194 6.43 -2.49 -11.26
C LEU B 194 6.45 -3.25 -9.92
N LYS B 195 6.16 -2.55 -8.84
CA LYS B 195 6.16 -3.17 -7.50
C LYS B 195 5.08 -4.28 -7.49
N GLU B 196 3.87 -3.90 -7.92
CA GLU B 196 2.74 -4.83 -7.98
C GLU B 196 2.94 -6.02 -8.89
N ALA B 197 3.67 -5.86 -10.00
CA ALA B 197 3.92 -6.98 -10.93
C ALA B 197 4.81 -8.04 -10.27
N THR B 198 5.87 -7.59 -9.57
CA THR B 198 6.63 -8.52 -8.74
C THR B 198 5.74 -9.23 -7.73
N ASP B 199 4.96 -8.46 -6.94
CA ASP B 199 4.01 -9.08 -6.01
C ASP B 199 3.09 -10.12 -6.63
N ALA B 200 2.55 -9.84 -7.81
CA ALA B 200 1.66 -10.75 -8.57
C ALA B 200 2.33 -12.08 -8.85
N PHE B 201 3.58 -12.05 -9.34
CA PHE B 201 4.35 -13.31 -9.51
C PHE B 201 4.53 -14.06 -8.20
N VAL B 202 4.88 -13.33 -7.14
CA VAL B 202 5.07 -13.99 -5.84
C VAL B 202 3.76 -14.62 -5.34
N PHE B 203 2.63 -13.90 -5.50
CA PHE B 203 1.33 -14.44 -5.10
C PHE B 203 1.04 -15.78 -5.78
N ASN B 204 1.28 -15.82 -7.09
CA ASN B 204 1.09 -17.04 -7.89
C ASN B 204 2.01 -18.17 -7.51
N HIS B 205 3.28 -17.87 -7.23
CA HIS B 205 4.21 -18.84 -6.69
C HIS B 205 3.71 -19.46 -5.37
N GLN B 206 3.21 -18.63 -4.46
CA GLN B 206 2.59 -19.12 -3.24
C GLN B 206 1.33 -19.95 -3.44
N VAL B 207 0.50 -19.62 -4.43
CA VAL B 207 -0.65 -20.45 -4.80
C VAL B 207 -0.15 -21.85 -5.22
N PHE B 208 0.86 -21.90 -6.06
CA PHE B 208 1.44 -23.18 -6.49
C PHE B 208 2.02 -23.93 -5.27
N ALA B 209 2.68 -23.20 -4.37
CA ALA B 209 3.28 -23.83 -3.20
C ALA B 209 2.20 -24.47 -2.35
N ASP B 210 1.05 -23.80 -2.21
CA ASP B 210 0.00 -24.37 -1.34
C ASP B 210 -0.57 -25.61 -2.03
N LEU B 211 -0.73 -25.55 -3.35
CA LEU B 211 -1.22 -26.69 -4.14
C LEU B 211 -0.37 -27.93 -3.93
N GLY B 212 0.95 -27.73 -3.82
CA GLY B 212 1.86 -28.84 -3.62
C GLY B 212 1.81 -29.43 -2.22
N LYS B 213 1.29 -28.67 -1.26
CA LYS B 213 1.18 -29.16 0.11
C LYS B 213 -0.18 -29.84 0.27
S SO4 C . 8.34 -1.89 17.79
O1 SO4 C . 7.63 -2.84 18.66
O2 SO4 C . 9.50 -1.31 18.52
O3 SO4 C . 8.87 -2.56 16.58
O4 SO4 C . 7.37 -0.84 17.42
S SO4 D . 8.68 35.15 19.42
O1 SO4 D . 7.45 34.98 20.27
O2 SO4 D . 9.69 34.10 19.74
O3 SO4 D . 8.36 35.17 17.97
O4 SO4 D . 9.25 36.48 19.79
O2A YOL E . 15.67 17.66 13.35
CAA YOL E . 15.16 17.05 12.42
O1A YOL E . 15.58 17.25 11.18
CC5 YOL E . 13.98 16.06 12.56
CC6 YOL E . 13.99 14.96 11.58
CC1 YOL E . 13.08 13.87 11.79
CC2 YOL E . 12.24 13.93 12.97
CC3 YOL E . 12.23 15.01 13.93
CC4 YOL E . 13.12 16.09 13.73
NA YOL E . 12.91 12.73 11.00
CA YOL E . 13.34 12.50 9.76
CA1 YOL E . 12.95 11.44 8.83
CA6 YOL E . 13.28 11.42 7.46
CA5 YOL E . 12.88 10.41 6.55
CA4 YOL E . 12.10 9.33 7.01
CA3 YOL E . 11.75 9.28 8.39
CA2 YOL E . 12.15 10.31 9.30
OA YOL E . 11.79 10.25 10.61
FE YOL E . 12.40 11.04 12.35
OB YOL E . 11.06 9.81 13.27
CB2 YOL E . 9.91 10.24 13.88
CB3 YOL E . 9.09 9.18 14.33
CB4 YOL E . 7.87 9.50 14.97
CB5 YOL E . 7.43 10.82 15.16
CB6 YOL E . 8.21 11.88 14.72
CB1 YOL E . 9.44 11.63 14.08
CB YOL E . 10.19 12.79 13.66
NB YOL E . 11.34 12.83 13.19
S SO4 F . 7.98 -24.34 -4.63
O1 SO4 F . 7.91 -23.83 -3.25
O2 SO4 F . 8.07 -25.82 -4.61
O3 SO4 F . 6.71 -23.96 -5.29
O4 SO4 F . 9.16 -23.76 -5.34
O2A YOL G . 5.03 -11.13 -21.17
CAA YOL G . 5.14 -12.33 -21.12
O1A YOL G . 5.60 -13.05 -22.11
CC5 YOL G . 4.78 -13.19 -19.95
CC6 YOL G . 5.22 -14.56 -20.14
CC1 YOL G . 4.91 -15.45 -19.06
CC2 YOL G . 4.20 -14.92 -17.95
CC3 YOL G . 3.77 -13.56 -17.78
CC4 YOL G . 4.05 -12.64 -18.81
NA YOL G . 5.22 -16.79 -19.01
CA YOL G . 5.65 -17.57 -20.00
CA1 YOL G . 5.78 -19.02 -20.01
CA6 YOL G . 6.16 -19.76 -21.12
CA5 YOL G . 6.27 -21.17 -21.12
CA4 YOL G . 6.02 -21.90 -19.94
CA3 YOL G . 5.63 -21.19 -18.78
CA2 YOL G . 5.51 -19.78 -18.80
OA YOL G . 5.15 -19.11 -17.67
FE YOL G . 5.57 -17.30 -16.93
OB YOL G . 5.06 -18.01 -15.12
CB2 YOL G . 3.97 -17.51 -14.46
CB3 YOL G . 3.80 -18.17 -13.22
CB4 YOL G . 2.69 -17.77 -12.44
CB5 YOL G . 1.74 -16.80 -12.81
CB6 YOL G . 1.89 -16.14 -14.01
CB1 YOL G . 2.95 -16.49 -14.85
CB YOL G . 2.99 -15.76 -16.07
NB YOL G . 3.90 -15.80 -16.87
C1 GOL H . -2.71 -2.23 -3.39
O1 GOL H . -1.61 -1.51 -3.92
C2 GOL H . -3.85 -1.29 -3.04
O2 GOL H . -4.23 -0.38 -4.10
C3 GOL H . -3.37 -0.54 -1.80
O3 GOL H . -3.75 -1.32 -0.65
#